data_4ALO
#
_entry.id   4ALO
#
_cell.length_a   40.368
_cell.length_b   78.423
_cell.length_c   105.625
_cell.angle_alpha   90.00
_cell.angle_beta   90.00
_cell.angle_gamma   90.00
#
_symmetry.space_group_name_H-M   'P 21 21 21'
#
loop_
_entity.id
_entity.type
_entity.pdbx_description
1 polymer 'H1 APOCRUSTACYANIN'
2 non-polymer (4S)-2-METHYL-2,4-PENTANEDIOL
3 non-polymer 'SULFATE ION'
4 non-polymer 'SODIUM ION'
5 water water
#
_entity_poly.entity_id   1
_entity_poly.type   'polypeptide(L)'
_entity_poly.pdbx_seq_one_letter_code
;DKIPDFVVPGKCASVTRNKLWAEQTPNRNMYAGVWYQFALTNNPYQLIEKCVRNEYSFDGEQFVITSTGIAYDGNLLKRN
GKLYPNPFGEPHLSIDYEMSFAAPLVILETDYSNYACLYSCIDYNFGYHSDFSFIFSRSANLADKYVKKCEAAFKNINVD
TTRFVKTVQGSSCPYDTQKTV
;
_entity_poly.pdbx_strand_id   A,B
#
loop_
_chem_comp.id
_chem_comp.type
_chem_comp.name
_chem_comp.formula
MPD non-polymer (4S)-2-METHYL-2,4-PENTANEDIOL 'C6 H14 O2'
NA non-polymer 'SODIUM ION' 'Na 1'
SO4 non-polymer 'SULFATE ION' 'O4 S -2'
#
# COMPACT_ATOMS: atom_id res chain seq x y z
N ASP A 1 10.34 -16.50 14.78
CA ASP A 1 10.43 -15.11 14.26
C ASP A 1 11.12 -14.20 15.28
N LYS A 2 12.33 -13.76 14.93
CA LYS A 2 13.09 -12.85 15.78
C LYS A 2 12.81 -11.42 15.34
N ILE A 3 12.07 -11.29 14.24
CA ILE A 3 11.87 -10.02 13.55
C ILE A 3 10.61 -10.08 12.71
N PRO A 4 10.06 -8.93 12.32
CA PRO A 4 10.36 -7.57 12.75
C PRO A 4 9.34 -7.09 13.78
N ASP A 5 9.68 -6.04 14.51
CA ASP A 5 8.80 -5.55 15.58
C ASP A 5 7.69 -4.63 15.07
N PHE A 6 7.54 -4.54 13.75
CA PHE A 6 6.36 -3.88 13.20
C PHE A 6 5.31 -4.88 12.74
N VAL A 7 5.61 -6.18 12.82
CA VAL A 7 4.55 -7.15 12.66
C VAL A 7 4.06 -7.58 14.05
N VAL A 8 2.75 -7.55 14.23
CA VAL A 8 2.14 -7.65 15.54
C VAL A 8 0.92 -8.58 15.47
N PRO A 9 0.79 -9.47 16.47
CA PRO A 9 -0.33 -10.40 16.62
C PRO A 9 -1.69 -9.73 16.65
N GLY A 10 -2.72 -10.50 16.30
CA GLY A 10 -4.07 -9.99 16.28
C GLY A 10 -4.32 -9.15 15.04
N LYS A 11 -5.54 -8.66 14.90
CA LYS A 11 -5.85 -7.82 13.76
C LYS A 11 -5.73 -6.34 14.16
N CYS A 12 -5.67 -5.46 13.16
CA CYS A 12 -5.57 -4.02 13.43
C CYS A 12 -6.58 -3.57 14.48
N ALA A 13 -6.10 -2.83 15.47
CA ALA A 13 -6.92 -2.36 16.59
C ALA A 13 -8.09 -1.50 16.13
N SER A 14 -9.14 -1.47 16.94
CA SER A 14 -10.27 -0.57 16.71
C SER A 14 -9.98 0.80 17.30
N VAL A 15 -10.11 1.84 16.48
CA VAL A 15 -9.74 3.19 16.90
C VAL A 15 -10.87 4.21 16.87
N THR A 16 -12.11 3.73 16.71
CA THR A 16 -13.28 4.63 16.65
C THR A 16 -13.14 5.64 15.52
N ARG A 17 -12.88 5.13 14.31
CA ARG A 17 -12.64 5.95 13.12
C ARG A 17 -13.74 6.95 12.79
N ASN A 18 -14.99 6.53 12.96
CA ASN A 18 -16.12 7.39 12.61
C ASN A 18 -16.14 8.63 13.47
N LYS A 19 -15.77 8.45 14.73
CA LYS A 19 -15.71 9.54 15.69
C LYS A 19 -14.62 10.53 15.32
N LEU A 20 -13.41 10.03 15.07
CA LEU A 20 -12.30 10.88 14.69
C LEU A 20 -12.66 11.66 13.43
N TRP A 21 -13.18 10.94 12.44
CA TRP A 21 -13.54 11.53 11.15
C TRP A 21 -14.58 12.63 11.33
N ALA A 22 -15.52 12.42 12.24
CA ALA A 22 -16.57 13.39 12.52
C ALA A 22 -16.00 14.65 13.17
N GLU A 23 -15.06 14.45 14.09
CA GLU A 23 -14.41 15.57 14.80
C GLU A 23 -13.44 16.37 13.93
N GLN A 24 -12.68 15.66 13.09
CA GLN A 24 -11.59 16.26 12.34
C GLN A 24 -11.98 16.97 11.05
N THR A 25 -13.10 16.55 10.46
CA THR A 25 -13.47 17.01 9.12
C THR A 25 -13.81 18.50 9.04
N PRO A 26 -14.55 19.03 10.04
CA PRO A 26 -14.86 20.46 10.05
C PRO A 26 -13.62 21.33 10.31
N ASN A 27 -12.54 20.70 10.77
CA ASN A 27 -11.27 21.40 11.00
C ASN A 27 -10.20 21.00 9.98
N ARG A 28 -10.57 20.11 9.07
CA ARG A 28 -9.59 19.54 8.14
C ARG A 28 -8.60 20.61 7.67
N ASN A 29 -9.12 21.81 7.48
CA ASN A 29 -8.35 22.94 6.98
C ASN A 29 -7.13 23.31 7.83
N MET A 30 -7.26 23.24 9.14
CA MET A 30 -6.16 23.63 10.03
C MET A 30 -5.10 22.57 10.12
N TYR A 31 -5.30 21.47 9.39
CA TYR A 31 -4.29 20.46 9.25
C TYR A 31 -3.26 20.84 8.18
N ALA A 32 -3.64 21.78 7.32
CA ALA A 32 -2.73 22.26 6.28
C ALA A 32 -1.54 22.93 6.96
N GLY A 33 -0.49 23.16 6.18
CA GLY A 33 0.73 23.78 6.68
C GLY A 33 1.90 22.81 6.83
N VAL A 34 2.93 23.26 7.52
CA VAL A 34 4.14 22.49 7.72
C VAL A 34 4.13 21.70 9.04
N TRP A 35 4.40 20.41 8.91
CA TRP A 35 4.56 19.54 10.06
C TRP A 35 5.95 18.91 10.01
N TYR A 36 6.61 18.86 11.16
CA TYR A 36 7.90 18.20 11.27
C TYR A 36 7.67 16.86 11.92
N GLN A 37 8.42 15.85 11.46
CA GLN A 37 8.34 14.53 12.03
C GLN A 37 9.19 14.46 13.28
N PHE A 38 8.53 14.44 14.42
CA PHE A 38 9.23 14.41 15.70
C PHE A 38 9.74 13.00 16.02
N ALA A 39 8.89 12.01 15.80
CA ALA A 39 9.26 10.61 16.01
C ALA A 39 8.37 9.68 15.19
N LEU A 40 8.90 8.49 14.87
CA LEU A 40 8.09 7.42 14.27
C LEU A 40 8.49 6.01 14.74
N THR A 41 7.57 5.06 14.57
CA THR A 41 7.92 3.66 14.77
C THR A 41 8.59 3.14 13.50
N ASN A 42 9.31 2.04 13.63
CA ASN A 42 10.14 1.48 12.57
C ASN A 42 9.41 1.50 11.22
N ASN A 43 10.07 1.99 10.18
CA ASN A 43 9.38 2.20 8.91
C ASN A 43 10.27 1.90 7.71
N PRO A 44 9.99 0.79 7.01
CA PRO A 44 10.80 0.39 5.86
C PRO A 44 10.57 1.21 4.61
N TYR A 45 9.57 2.09 4.62
CA TYR A 45 9.23 2.86 3.41
C TYR A 45 9.74 4.28 3.41
N GLN A 46 10.21 4.75 4.56
CA GLN A 46 10.66 6.12 4.70
C GLN A 46 12.04 6.31 4.09
N LEU A 47 12.14 7.19 3.09
CA LEU A 47 13.45 7.44 2.48
C LEU A 47 14.14 8.67 3.05
N ILE A 48 13.38 9.52 3.72
CA ILE A 48 13.95 10.73 4.31
C ILE A 48 14.30 10.46 5.76
N GLU A 49 15.59 10.44 6.05
CA GLU A 49 16.06 10.06 7.38
C GLU A 49 15.99 11.19 8.40
N LYS A 50 16.51 12.36 8.05
CA LYS A 50 16.59 13.45 9.02
C LYS A 50 15.90 14.69 8.53
N CYS A 51 15.57 15.59 9.46
CA CYS A 51 15.09 16.91 9.13
C CYS A 51 13.75 16.84 8.39
N VAL A 52 13.01 15.78 8.70
CA VAL A 52 11.75 15.47 7.99
C VAL A 52 10.69 16.55 8.20
N ARG A 53 10.37 17.20 7.09
CA ARG A 53 9.55 18.40 7.08
C ARG A 53 8.45 18.20 6.05
N ASN A 54 7.20 18.17 6.48
CA ASN A 54 6.10 17.83 5.58
C ASN A 54 5.21 19.02 5.24
N GLU A 55 5.22 19.45 3.97
CA GLU A 55 4.36 20.58 3.58
C GLU A 55 3.03 20.14 3.00
N TYR A 56 1.96 20.48 3.71
CA TYR A 56 0.59 20.09 3.37
C TYR A 56 -0.19 21.27 2.79
N SER A 57 -0.78 21.08 1.61
CA SER A 57 -1.70 22.03 0.99
C SER A 57 -3.07 21.39 0.88
N PHE A 58 -4.12 22.17 1.12
CA PHE A 58 -5.50 21.66 1.11
C PHE A 58 -6.36 22.28 -0.02
N ASP A 59 -7.08 21.44 -0.76
CA ASP A 59 -7.89 21.92 -1.88
C ASP A 59 -9.39 21.99 -1.54
N GLY A 60 -9.72 21.79 -0.26
CA GLY A 60 -11.10 21.81 0.19
C GLY A 60 -11.62 20.42 0.46
N GLU A 61 -10.90 19.41 -0.07
CA GLU A 61 -11.27 18.02 0.20
C GLU A 61 -10.05 17.10 0.39
N GLN A 62 -9.04 17.17 -0.50
CA GLN A 62 -7.81 16.34 -0.29
C GLN A 62 -6.60 17.21 0.05
N PHE A 63 -5.48 16.56 0.46
CA PHE A 63 -4.22 17.28 0.63
C PHE A 63 -3.20 16.83 -0.40
N VAL A 64 -2.37 17.78 -0.82
CA VAL A 64 -1.15 17.46 -1.54
C VAL A 64 -0.03 17.76 -0.58
N ILE A 65 1.04 16.96 -0.65
CA ILE A 65 2.14 17.10 0.30
C ILE A 65 3.50 17.19 -0.41
N THR A 66 4.38 18.02 0.13
CA THR A 66 5.79 18.00 -0.26
C THR A 66 6.61 17.67 0.98
N SER A 67 7.34 16.56 0.93
CA SER A 67 8.14 16.14 2.06
C SER A 67 9.60 16.30 1.71
N THR A 68 10.36 16.89 2.63
CA THR A 68 11.79 17.13 2.38
C THR A 68 12.65 16.76 3.58
N GLY A 69 13.95 16.62 3.33
CA GLY A 69 14.91 16.40 4.40
C GLY A 69 16.18 15.80 3.82
N ILE A 70 16.99 15.19 4.69
CA ILE A 70 18.18 14.52 4.20
C ILE A 70 17.99 13.00 4.14
N ALA A 71 18.22 12.45 2.96
CA ALA A 71 18.10 11.01 2.73
C ALA A 71 19.15 10.24 3.49
N TYR A 72 19.12 8.92 3.37
CA TYR A 72 20.04 8.06 4.10
C TYR A 72 21.49 8.17 3.61
N ASP A 73 21.68 8.72 2.43
CA ASP A 73 23.03 8.91 1.87
C ASP A 73 23.67 10.24 2.32
N GLY A 74 22.93 11.05 3.06
CA GLY A 74 23.41 12.35 3.48
C GLY A 74 23.01 13.46 2.52
N ASN A 75 22.25 13.10 1.49
CA ASN A 75 21.82 14.08 0.47
C ASN A 75 20.39 14.59 0.63
N LEU A 76 20.14 15.78 0.11
CA LEU A 76 18.81 16.38 0.06
C LEU A 76 17.85 15.48 -0.73
N LEU A 77 16.63 15.33 -0.23
CA LEU A 77 15.62 14.55 -0.94
C LEU A 77 14.23 15.16 -0.79
N LYS A 78 13.48 15.15 -1.88
CA LYS A 78 12.10 15.61 -1.89
C LYS A 78 11.17 14.50 -2.36
N ARG A 79 10.12 14.25 -1.59
CA ARG A 79 9.12 13.28 -1.99
C ARG A 79 7.75 13.90 -2.00
N ASN A 80 7.04 13.71 -3.11
CA ASN A 80 5.66 14.13 -3.22
C ASN A 80 4.73 13.07 -2.66
N GLY A 81 3.64 13.53 -2.06
CA GLY A 81 2.64 12.64 -1.50
C GLY A 81 1.25 13.22 -1.63
N LYS A 82 0.26 12.45 -1.18
CA LYS A 82 -1.12 12.90 -1.19
C LYS A 82 -1.83 12.31 -0.01
N LEU A 83 -2.86 13.01 0.46
CA LEU A 83 -3.67 12.56 1.58
C LEU A 83 -5.13 12.86 1.24
N TYR A 84 -5.91 11.81 1.06
CA TYR A 84 -7.28 11.96 0.58
C TYR A 84 -8.17 10.92 1.22
N PRO A 85 -9.50 11.14 1.20
CA PRO A 85 -10.46 10.19 1.76
C PRO A 85 -10.38 8.83 1.10
N ASN A 86 -10.53 7.76 1.90
CA ASN A 86 -10.57 6.41 1.34
C ASN A 86 -11.41 6.39 0.07
N PRO A 87 -10.85 5.80 -1.01
CA PRO A 87 -11.51 5.65 -2.32
C PRO A 87 -12.64 4.59 -2.30
N PHE A 88 -13.11 4.18 -1.12
CA PHE A 88 -14.14 3.16 -1.03
C PHE A 88 -15.20 3.57 -0.02
N GLY A 89 -15.07 4.77 0.52
CA GLY A 89 -16.03 5.28 1.49
C GLY A 89 -15.80 4.80 2.92
N GLU A 90 -14.60 4.31 3.23
CA GLU A 90 -14.29 4.03 4.63
C GLU A 90 -13.94 5.34 5.34
N PRO A 91 -14.26 5.44 6.64
CA PRO A 91 -14.02 6.66 7.41
C PRO A 91 -12.55 6.89 7.77
N HIS A 92 -11.70 6.85 6.76
CA HIS A 92 -10.32 7.21 6.99
C HIS A 92 -9.65 7.66 5.69
N LEU A 93 -8.42 8.14 5.83
CA LEU A 93 -7.72 8.72 4.70
C LEU A 93 -6.74 7.71 4.13
N SER A 94 -6.34 7.93 2.88
CA SER A 94 -5.24 7.20 2.30
C SER A 94 -4.07 8.15 2.18
N ILE A 95 -2.90 7.68 2.61
CA ILE A 95 -1.68 8.43 2.36
C ILE A 95 -0.87 7.66 1.33
N ASP A 96 -0.48 8.37 0.28
CA ASP A 96 0.04 7.82 -0.95
C ASP A 96 1.27 8.64 -1.30
N TYR A 97 2.38 7.98 -1.63
CA TYR A 97 3.61 8.69 -1.99
C TYR A 97 4.22 8.11 -3.25
N GLU A 98 5.00 8.88 -4.00
CA GLU A 98 5.65 8.35 -5.20
C GLU A 98 6.66 7.27 -4.82
N MET A 99 6.90 6.34 -5.75
CA MET A 99 7.76 5.18 -5.52
C MET A 99 7.36 4.42 -4.28
N SER A 100 6.11 4.59 -3.89
CA SER A 100 5.57 3.92 -2.71
C SER A 100 4.11 3.56 -3.01
N PHE A 101 3.39 3.09 -2.00
CA PHE A 101 2.01 2.69 -2.18
C PHE A 101 1.05 3.62 -1.44
N ALA A 102 -0.20 3.23 -1.32
CA ALA A 102 -1.18 3.99 -0.55
C ALA A 102 -1.60 3.16 0.66
N ALA A 103 -1.55 3.77 1.85
CA ALA A 103 -1.90 3.09 3.09
C ALA A 103 -3.00 3.81 3.85
N PRO A 104 -3.74 3.09 4.68
CA PRO A 104 -4.71 3.80 5.50
C PRO A 104 -3.96 4.72 6.45
N LEU A 105 -4.50 5.90 6.69
CA LEU A 105 -3.94 6.78 7.69
C LEU A 105 -5.07 7.35 8.53
N VAL A 106 -4.93 7.23 9.84
CA VAL A 106 -5.87 7.78 10.78
C VAL A 106 -5.11 8.78 11.63
N ILE A 107 -5.76 9.88 11.95
CA ILE A 107 -5.21 10.81 12.92
C ILE A 107 -5.93 10.53 14.23
N LEU A 108 -5.19 9.92 15.16
CA LEU A 108 -5.72 9.53 16.46
C LEU A 108 -6.07 10.74 17.30
N GLU A 109 -5.30 11.81 17.12
CA GLU A 109 -5.48 13.00 17.93
C GLU A 109 -4.65 14.12 17.35
N THR A 110 -5.20 15.33 17.33
CA THR A 110 -4.44 16.52 16.97
C THR A 110 -5.08 17.77 17.53
N ASP A 111 -4.26 18.78 17.82
CA ASP A 111 -4.80 20.08 18.20
C ASP A 111 -4.64 21.06 17.05
N TYR A 112 -3.90 20.64 16.02
CA TYR A 112 -3.78 21.43 14.78
C TYR A 112 -2.72 22.49 14.87
N SER A 113 -2.50 23.01 16.08
CA SER A 113 -1.54 24.07 16.29
C SER A 113 -0.24 23.61 16.95
N ASN A 114 -0.22 22.40 17.50
CA ASN A 114 1.01 21.90 18.12
C ASN A 114 1.48 20.54 17.62
N TYR A 115 0.57 19.58 17.57
CA TYR A 115 0.95 18.18 17.40
C TYR A 115 -0.13 17.38 16.69
N ALA A 116 0.26 16.23 16.15
CA ALA A 116 -0.69 15.27 15.62
C ALA A 116 -0.12 13.87 15.80
N CYS A 117 -0.98 12.92 16.17
CA CYS A 117 -0.54 11.54 16.31
C CYS A 117 -1.19 10.70 15.21
N LEU A 118 -0.35 10.11 14.36
CA LEU A 118 -0.82 9.42 13.16
C LEU A 118 -0.68 7.89 13.28
N TYR A 119 -1.59 7.18 12.64
CA TYR A 119 -1.65 5.73 12.72
C TYR A 119 -2.00 5.10 11.37
N SER A 120 -1.15 4.18 10.93
CA SER A 120 -1.41 3.39 9.73
C SER A 120 -1.33 1.90 10.09
N CYS A 121 -2.31 1.12 9.65
CA CYS A 121 -2.35 -0.28 10.02
C CYS A 121 -2.87 -1.16 8.90
N ILE A 122 -2.18 -2.28 8.70
CA ILE A 122 -2.47 -3.18 7.59
C ILE A 122 -2.62 -4.61 8.13
N ASP A 123 -3.75 -5.24 7.83
CA ASP A 123 -3.98 -6.64 8.24
C ASP A 123 -3.42 -7.66 7.26
N TYR A 124 -2.81 -8.71 7.78
CA TYR A 124 -2.36 -9.83 6.96
C TYR A 124 -3.44 -10.91 6.96
N ASN A 125 -3.27 -11.95 6.14
CA ASN A 125 -4.23 -13.06 6.10
C ASN A 125 -3.96 -14.16 7.15
N PHE A 126 -2.86 -14.04 7.89
CA PHE A 126 -2.52 -15.04 8.90
C PHE A 126 -2.67 -14.55 10.34
N GLY A 127 -3.58 -13.62 10.57
CA GLY A 127 -3.90 -13.18 11.93
C GLY A 127 -2.88 -12.28 12.59
N TYR A 128 -2.01 -11.67 11.78
CA TYR A 128 -1.13 -10.63 12.26
C TYR A 128 -1.43 -9.33 11.52
N HIS A 129 -0.72 -8.28 11.89
CA HIS A 129 -0.84 -6.99 11.22
C HIS A 129 0.47 -6.25 11.41
N SER A 130 0.69 -5.24 10.59
CA SER A 130 1.82 -4.38 10.77
C SER A 130 1.29 -2.97 10.83
N ASP A 131 1.85 -2.16 11.72
CA ASP A 131 1.41 -0.78 11.80
C ASP A 131 2.59 0.15 11.81
N PHE A 132 2.30 1.43 11.61
CA PHE A 132 3.32 2.45 11.47
C PHE A 132 2.76 3.73 12.05
N SER A 133 3.51 4.28 12.99
CA SER A 133 3.01 5.42 13.74
C SER A 133 3.95 6.60 13.61
N PHE A 134 3.41 7.78 13.89
CA PHE A 134 4.16 9.01 13.77
C PHE A 134 3.65 9.99 14.79
N ILE A 135 4.58 10.77 15.31
CA ILE A 135 4.26 11.95 16.07
C ILE A 135 4.72 13.17 15.26
N PHE A 136 3.77 14.01 14.88
CA PHE A 136 4.04 15.22 14.09
C PHE A 136 4.06 16.43 15.02
N SER A 137 4.90 17.39 14.69
CA SER A 137 4.91 18.64 15.43
C SER A 137 4.95 19.84 14.49
N ARG A 138 4.41 20.95 14.97
CA ARG A 138 4.49 22.20 14.25
C ARG A 138 5.89 22.84 14.43
N SER A 139 6.66 22.35 15.42
CA SER A 139 8.05 22.81 15.62
C SER A 139 9.06 21.68 15.50
N ALA A 140 10.32 22.06 15.34
CA ALA A 140 11.44 21.11 15.33
C ALA A 140 11.48 20.35 16.65
N ASN A 141 10.91 20.95 17.68
CA ASN A 141 10.78 20.28 18.96
C ASN A 141 9.33 20.23 19.39
N LEU A 142 9.02 19.34 20.32
CA LEU A 142 7.66 19.19 20.79
C LEU A 142 7.65 19.16 22.31
N ALA A 143 6.70 19.88 22.91
CA ALA A 143 6.64 19.99 24.36
C ALA A 143 6.22 18.67 24.98
N ASP A 144 6.79 18.38 26.15
CA ASP A 144 6.49 17.17 26.90
C ASP A 144 4.99 17.00 27.11
N LYS A 145 4.30 18.10 27.32
CA LYS A 145 2.84 18.10 27.42
C LYS A 145 2.19 17.40 26.22
N TYR A 146 2.76 17.63 25.04
CA TYR A 146 2.20 17.10 23.79
C TYR A 146 2.67 15.67 23.49
N VAL A 147 3.96 15.42 23.71
CA VAL A 147 4.49 14.07 23.57
C VAL A 147 3.67 13.12 24.45
N LYS A 148 3.26 13.62 25.60
CA LYS A 148 2.44 12.86 26.55
C LYS A 148 1.04 12.58 26.02
N LYS A 149 0.55 13.45 25.14
CA LYS A 149 -0.77 13.24 24.52
C LYS A 149 -0.73 12.07 23.54
N CYS A 150 0.29 12.03 22.70
CA CYS A 150 0.45 10.94 21.74
C CYS A 150 0.78 9.63 22.46
N GLU A 151 1.52 9.71 23.56
CA GLU A 151 1.87 8.51 24.32
C GLU A 151 0.62 7.80 24.81
N ALA A 152 -0.26 8.55 25.47
CA ALA A 152 -1.54 8.05 25.92
C ALA A 152 -2.35 7.51 24.75
N ALA A 153 -2.33 8.24 23.64
CA ALA A 153 -3.08 7.85 22.46
C ALA A 153 -2.60 6.51 21.91
N PHE A 154 -1.29 6.30 21.89
CA PHE A 154 -0.75 5.07 21.35
C PHE A 154 -0.82 3.91 22.34
N LYS A 155 -0.73 4.23 23.65
CA LYS A 155 -0.96 3.23 24.70
C LYS A 155 -2.42 2.79 24.66
N ASN A 156 -3.30 3.71 24.31
CA ASN A 156 -4.74 3.46 24.32
C ASN A 156 -5.23 2.43 23.28
N ILE A 157 -4.46 2.23 22.21
CA ILE A 157 -4.75 1.15 21.26
C ILE A 157 -3.61 0.16 21.25
N ASN A 158 -2.85 0.13 22.35
CA ASN A 158 -1.74 -0.80 22.54
C ASN A 158 -0.73 -0.84 21.38
N VAL A 159 -0.26 0.32 20.97
CA VAL A 159 0.97 0.40 20.21
C VAL A 159 2.03 0.55 21.28
N ASP A 160 3.09 -0.26 21.20
CA ASP A 160 4.19 -0.20 22.17
C ASP A 160 5.05 1.02 21.90
N THR A 161 4.95 2.00 22.80
CA THR A 161 5.54 3.31 22.58
C THR A 161 7.06 3.30 22.69
N THR A 162 7.60 2.20 23.18
CA THR A 162 9.05 2.03 23.16
C THR A 162 9.51 1.86 21.73
N ARG A 163 8.57 1.64 20.82
CA ARG A 163 8.91 1.46 19.40
C ARG A 163 9.26 2.76 18.68
N PHE A 164 8.98 3.91 19.30
CA PHE A 164 9.27 5.19 18.67
C PHE A 164 10.75 5.55 18.63
N VAL A 165 11.19 6.04 17.47
CA VAL A 165 12.54 6.57 17.36
C VAL A 165 12.49 8.06 16.99
N LYS A 166 13.20 8.86 17.78
CA LYS A 166 13.24 10.30 17.59
C LYS A 166 13.89 10.66 16.27
N THR A 167 13.32 11.61 15.57
CA THR A 167 13.87 12.08 14.30
C THR A 167 14.78 13.30 14.54
N VAL A 168 15.90 13.34 13.82
CA VAL A 168 16.79 14.49 13.87
C VAL A 168 16.07 15.72 13.31
N GLN A 169 16.06 16.79 14.10
CA GLN A 169 15.47 18.07 13.72
C GLN A 169 16.24 19.17 14.47
N GLY A 170 15.99 20.44 14.14
CA GLY A 170 16.66 21.52 14.83
C GLY A 170 17.57 22.34 13.93
N SER A 171 18.50 23.08 14.55
CA SER A 171 19.28 24.10 13.84
C SER A 171 20.23 23.55 12.78
N SER A 172 20.69 22.32 12.95
CA SER A 172 21.57 21.70 11.96
C SER A 172 20.86 21.39 10.63
N CYS A 173 19.53 21.50 10.60
CA CYS A 173 18.76 21.18 9.38
C CYS A 173 18.70 22.36 8.42
N PRO A 174 18.85 22.08 7.10
CA PRO A 174 18.75 23.12 6.08
C PRO A 174 17.29 23.41 5.70
N TYR A 175 16.44 23.67 6.69
CA TYR A 175 15.04 23.94 6.41
C TYR A 175 14.89 24.99 5.32
N ASP A 176 15.70 26.04 5.41
CA ASP A 176 15.67 27.14 4.45
C ASP A 176 15.89 26.64 3.02
N THR A 177 16.77 25.67 2.86
CA THR A 177 17.03 25.12 1.53
C THR A 177 15.94 24.11 1.16
N GLN A 178 15.50 23.34 2.15
CA GLN A 178 14.41 22.36 1.98
C GLN A 178 13.14 23.01 1.42
N LYS A 179 12.88 24.26 1.81
CA LYS A 179 11.71 25.01 1.36
C LYS A 179 11.65 25.20 -0.14
N THR A 180 12.83 25.39 -0.74
CA THR A 180 12.93 25.69 -2.16
C THR A 180 13.04 24.38 -2.94
N VAL A 181 12.97 23.27 -2.21
CA VAL A 181 12.98 21.92 -2.77
C VAL A 181 14.32 21.21 -2.51
N ASP B 1 17.08 -16.40 11.94
CA ASP B 1 16.36 -15.33 11.18
C ASP B 1 15.47 -15.92 10.08
N LYS B 2 14.32 -16.47 10.47
CA LYS B 2 13.39 -17.06 9.51
C LYS B 2 12.79 -15.97 8.64
N ILE B 3 13.07 -16.07 7.34
CA ILE B 3 12.75 -15.00 6.40
C ILE B 3 11.79 -15.51 5.33
N PRO B 4 10.64 -14.81 5.18
CA PRO B 4 9.64 -15.17 4.18
C PRO B 4 10.20 -15.17 2.77
N ASP B 5 9.69 -16.07 1.92
CA ASP B 5 10.12 -16.16 0.53
C ASP B 5 9.86 -14.90 -0.29
N PHE B 6 8.96 -14.06 0.20
CA PHE B 6 8.54 -12.86 -0.53
C PHE B 6 9.25 -11.59 -0.09
N VAL B 7 10.16 -11.72 0.87
CA VAL B 7 11.06 -10.63 1.24
C VAL B 7 12.45 -11.02 0.75
N VAL B 8 12.90 -10.41 -0.33
CA VAL B 8 14.19 -10.80 -0.92
C VAL B 8 15.22 -9.67 -0.96
N PRO B 9 16.46 -9.96 -0.53
CA PRO B 9 17.56 -9.00 -0.56
C PRO B 9 17.65 -8.34 -1.92
N GLY B 10 18.02 -7.06 -1.95
CA GLY B 10 18.13 -6.33 -3.21
C GLY B 10 16.95 -5.43 -3.53
N LYS B 11 17.10 -4.62 -4.58
CA LYS B 11 16.04 -3.73 -5.01
C LYS B 11 15.13 -4.41 -6.02
N CYS B 12 13.96 -3.84 -6.24
CA CYS B 12 13.04 -4.34 -7.24
C CYS B 12 13.73 -4.28 -8.60
N ALA B 13 13.77 -5.42 -9.30
CA ALA B 13 14.36 -5.46 -10.63
C ALA B 13 13.73 -4.40 -11.52
N SER B 14 14.52 -3.91 -12.47
CA SER B 14 14.05 -2.95 -13.45
C SER B 14 13.35 -3.67 -14.60
N VAL B 15 12.07 -3.40 -14.74
CA VAL B 15 11.37 -3.76 -15.96
C VAL B 15 11.28 -2.46 -16.75
N THR B 16 11.61 -2.47 -18.03
CA THR B 16 11.29 -1.27 -18.77
C THR B 16 9.75 -1.21 -18.88
N ARG B 17 9.16 -0.45 -17.96
CA ARG B 17 7.71 -0.25 -17.90
C ARG B 17 7.12 0.43 -19.15
N ASN B 18 7.86 1.37 -19.71
CA ASN B 18 7.42 2.07 -20.92
C ASN B 18 7.26 1.11 -22.08
N LYS B 19 8.14 0.12 -22.13
CA LYS B 19 8.08 -0.96 -23.10
C LYS B 19 6.85 -1.85 -22.87
N LEU B 20 6.40 -1.97 -21.62
CA LEU B 20 5.23 -2.78 -21.30
C LEU B 20 3.91 -2.10 -21.66
N TRP B 21 3.90 -0.77 -21.68
CA TRP B 21 2.71 -0.05 -22.13
C TRP B 21 2.65 -0.01 -23.67
N ALA B 22 3.73 -0.41 -24.32
CA ALA B 22 3.77 -0.56 -25.77
C ALA B 22 3.34 -1.98 -26.16
N GLU B 23 4.11 -2.96 -25.68
CA GLU B 23 3.68 -4.34 -25.74
C GLU B 23 2.66 -4.45 -24.61
N GLN B 24 1.85 -5.49 -24.61
CA GLN B 24 0.86 -5.69 -23.54
C GLN B 24 -0.28 -4.67 -23.57
N THR B 25 -0.30 -3.85 -24.62
CA THR B 25 -1.42 -2.93 -24.86
C THR B 25 -2.21 -3.41 -26.08
N PRO B 26 -3.53 -3.59 -25.91
CA PRO B 26 -4.36 -4.24 -26.92
C PRO B 26 -4.75 -3.35 -28.09
N ASN B 27 -4.92 -3.96 -29.26
CA ASN B 27 -5.37 -3.24 -30.45
C ASN B 27 -6.70 -2.52 -30.21
N ARG B 28 -7.69 -3.26 -29.71
CA ARG B 28 -8.97 -2.67 -29.31
C ARG B 28 -9.17 -2.68 -27.80
N ASN B 29 -10.00 -1.76 -27.31
CA ASN B 29 -10.19 -1.57 -25.87
C ASN B 29 -11.02 -2.68 -25.22
N MET B 30 -10.53 -3.18 -24.08
CA MET B 30 -11.31 -4.14 -23.30
C MET B 30 -11.99 -3.42 -22.13
N TYR B 31 -13.31 -3.41 -22.14
CA TYR B 31 -14.07 -2.61 -21.18
C TYR B 31 -14.64 -3.42 -20.01
N ALA B 32 -14.84 -4.72 -20.22
CA ALA B 32 -15.38 -5.58 -19.18
C ALA B 32 -14.95 -7.03 -19.36
N GLY B 33 -14.94 -7.76 -18.26
CA GLY B 33 -14.59 -9.18 -18.28
C GLY B 33 -14.35 -9.74 -16.90
N VAL B 34 -13.94 -11.00 -16.86
CA VAL B 34 -13.58 -11.65 -15.62
C VAL B 34 -12.34 -12.52 -15.84
N TRP B 35 -11.41 -12.44 -14.90
CA TRP B 35 -10.24 -13.31 -14.89
C TRP B 35 -10.29 -14.18 -13.64
N TYR B 36 -9.66 -15.35 -13.72
CA TYR B 36 -9.52 -16.25 -12.59
C TYR B 36 -8.05 -16.39 -12.26
N GLN B 37 -7.73 -16.24 -10.98
CA GLN B 37 -6.35 -16.42 -10.53
C GLN B 37 -5.96 -17.90 -10.65
N PHE B 38 -5.14 -18.19 -11.66
CA PHE B 38 -4.65 -19.53 -11.88
C PHE B 38 -3.62 -19.91 -10.81
N ALA B 39 -2.66 -19.02 -10.55
CA ALA B 39 -1.62 -19.27 -9.55
C ALA B 39 -1.06 -17.94 -9.06
N LEU B 40 -0.46 -17.94 -7.87
CA LEU B 40 0.28 -16.77 -7.38
C LEU B 40 1.46 -17.14 -6.50
N THR B 41 2.39 -16.20 -6.28
CA THR B 41 3.43 -16.40 -5.30
C THR B 41 2.91 -16.02 -3.91
N ASN B 42 3.51 -16.61 -2.88
CA ASN B 42 3.11 -16.40 -1.49
C ASN B 42 2.77 -14.94 -1.21
N ASN B 43 1.63 -14.73 -0.56
CA ASN B 43 1.04 -13.42 -0.41
C ASN B 43 0.32 -13.31 0.93
N PRO B 44 0.83 -12.46 1.82
CA PRO B 44 0.22 -12.34 3.13
C PRO B 44 -1.00 -11.41 3.14
N TYR B 45 -1.27 -10.76 2.02
CA TYR B 45 -2.36 -9.77 1.93
C TYR B 45 -3.65 -10.34 1.36
N GLN B 46 -3.50 -11.20 0.35
CA GLN B 46 -4.61 -11.88 -0.29
C GLN B 46 -5.50 -12.65 0.70
N LEU B 47 -6.74 -12.20 0.86
CA LEU B 47 -7.67 -12.80 1.80
C LEU B 47 -8.51 -13.93 1.19
N ILE B 48 -8.48 -14.06 -0.13
CA ILE B 48 -9.26 -15.11 -0.80
C ILE B 48 -8.34 -16.25 -1.22
N GLU B 49 -8.52 -17.40 -0.61
CA GLU B 49 -7.61 -18.52 -0.80
C GLU B 49 -7.99 -19.29 -2.02
N LYS B 50 -9.29 -19.55 -2.18
CA LYS B 50 -9.76 -20.42 -3.24
C LYS B 50 -10.76 -19.75 -4.18
N CYS B 51 -10.80 -20.24 -5.43
CA CYS B 51 -11.84 -19.85 -6.38
C CYS B 51 -11.82 -18.38 -6.75
N VAL B 52 -10.65 -17.76 -6.69
CA VAL B 52 -10.52 -16.33 -6.86
C VAL B 52 -10.99 -15.89 -8.24
N ARG B 53 -12.07 -15.12 -8.28
CA ARG B 53 -12.66 -14.70 -9.53
C ARG B 53 -12.67 -13.18 -9.56
N ASN B 54 -12.01 -12.61 -10.57
CA ASN B 54 -11.92 -11.16 -10.69
C ASN B 54 -12.73 -10.57 -11.85
N GLU B 55 -13.85 -9.97 -11.51
CA GLU B 55 -14.69 -9.30 -12.49
C GLU B 55 -14.34 -7.82 -12.48
N TYR B 56 -14.15 -7.26 -13.68
CA TYR B 56 -13.88 -5.83 -13.80
C TYR B 56 -14.89 -5.16 -14.73
N SER B 57 -15.12 -3.88 -14.47
CA SER B 57 -15.91 -3.02 -15.36
C SER B 57 -15.25 -1.66 -15.44
N PHE B 58 -15.25 -1.05 -16.61
CA PHE B 58 -14.57 0.21 -16.80
C PHE B 58 -15.48 1.43 -16.68
N ASP B 59 -15.02 2.44 -15.92
CA ASP B 59 -15.67 3.74 -15.84
C ASP B 59 -14.61 4.86 -15.84
N GLY B 60 -14.73 5.80 -16.77
CA GLY B 60 -13.84 6.95 -16.78
C GLY B 60 -12.39 6.56 -17.05
N GLU B 61 -11.62 6.36 -15.98
CA GLU B 61 -10.21 5.92 -16.15
C GLU B 61 -9.81 4.79 -15.18
N GLN B 62 -10.75 4.34 -14.37
CA GLN B 62 -10.48 3.26 -13.42
C GLN B 62 -11.34 2.02 -13.65
N PHE B 63 -10.71 0.86 -13.67
CA PHE B 63 -11.46 -0.38 -13.66
C PHE B 63 -12.01 -0.61 -12.26
N VAL B 64 -13.33 -0.79 -12.19
CA VAL B 64 -13.98 -1.22 -10.96
C VAL B 64 -13.84 -2.73 -10.91
N ILE B 65 -13.44 -3.25 -9.75
CA ILE B 65 -13.12 -4.66 -9.60
C ILE B 65 -13.92 -5.35 -8.49
N THR B 66 -14.46 -6.52 -8.80
CA THR B 66 -15.11 -7.33 -7.78
C THR B 66 -14.44 -8.69 -7.67
N SER B 67 -13.79 -8.91 -6.54
CA SER B 67 -13.08 -10.15 -6.31
C SER B 67 -13.88 -11.00 -5.35
N THR B 68 -14.10 -12.25 -5.73
CA THR B 68 -14.88 -13.16 -4.92
C THR B 68 -14.19 -14.52 -4.85
N GLY B 69 -14.65 -15.36 -3.93
CA GLY B 69 -14.11 -16.69 -3.78
C GLY B 69 -14.26 -17.13 -2.34
N ILE B 70 -13.54 -18.16 -1.97
CA ILE B 70 -13.61 -18.68 -0.59
C ILE B 70 -12.44 -18.15 0.22
N ALA B 71 -12.73 -17.58 1.38
CA ALA B 71 -11.70 -17.08 2.29
C ALA B 71 -11.00 -18.22 3.03
N TYR B 72 -9.91 -17.88 3.72
CA TYR B 72 -9.17 -18.88 4.50
C TYR B 72 -10.02 -19.51 5.61
N ASP B 73 -11.01 -18.78 6.10
CA ASP B 73 -11.88 -19.27 7.17
C ASP B 73 -12.97 -20.20 6.64
N GLY B 74 -13.00 -20.43 5.33
CA GLY B 74 -13.96 -21.34 4.72
C GLY B 74 -15.21 -20.66 4.18
N ASN B 75 -15.43 -19.42 4.61
CA ASN B 75 -16.61 -18.65 4.18
C ASN B 75 -16.36 -17.91 2.87
N LEU B 76 -17.43 -17.71 2.11
CA LEU B 76 -17.39 -16.88 0.91
C LEU B 76 -17.08 -15.42 1.26
N LEU B 77 -16.28 -14.80 0.41
CA LEU B 77 -15.86 -13.44 0.65
C LEU B 77 -15.91 -12.66 -0.64
N LYS B 78 -16.25 -11.39 -0.54
CA LYS B 78 -16.24 -10.49 -1.67
C LYS B 78 -15.40 -9.28 -1.32
N ARG B 79 -14.58 -8.85 -2.27
CA ARG B 79 -13.71 -7.69 -2.06
C ARG B 79 -13.82 -6.73 -3.22
N ASN B 80 -14.02 -5.46 -2.91
CA ASN B 80 -14.12 -4.39 -3.91
C ASN B 80 -12.75 -3.78 -4.16
N GLY B 81 -12.41 -3.58 -5.43
CA GLY B 81 -11.11 -3.04 -5.80
C GLY B 81 -11.22 -2.01 -6.89
N LYS B 82 -10.14 -1.26 -7.08
CA LYS B 82 -10.07 -0.27 -8.15
C LYS B 82 -8.69 -0.27 -8.77
N LEU B 83 -8.64 -0.07 -10.08
CA LEU B 83 -7.39 -0.08 -10.82
C LEU B 83 -7.31 1.21 -11.62
N TYR B 84 -6.26 2.00 -11.38
CA TYR B 84 -6.11 3.31 -12.04
C TYR B 84 -4.64 3.62 -12.28
N PRO B 85 -4.34 4.62 -13.13
CA PRO B 85 -2.95 5.01 -13.32
C PRO B 85 -2.35 5.55 -12.02
N ASN B 86 -1.09 5.19 -11.75
CA ASN B 86 -0.37 5.78 -10.64
C ASN B 86 -0.58 7.28 -10.60
N PRO B 87 -1.06 7.81 -9.46
CA PRO B 87 -1.53 9.19 -9.35
C PRO B 87 -0.42 10.24 -9.40
N PHE B 88 0.82 9.80 -9.28
CA PHE B 88 1.96 10.67 -9.44
C PHE B 88 2.49 10.56 -10.87
N GLY B 89 1.75 9.82 -11.70
CA GLY B 89 2.09 9.69 -13.11
C GLY B 89 3.30 8.80 -13.37
N GLU B 90 3.63 7.94 -12.41
CA GLU B 90 4.59 6.89 -12.67
C GLU B 90 4.01 5.92 -13.72
N PRO B 91 4.85 5.42 -14.63
CA PRO B 91 4.35 4.59 -15.73
C PRO B 91 3.88 3.20 -15.28
N HIS B 92 2.93 3.17 -14.35
CA HIS B 92 2.33 1.90 -13.92
C HIS B 92 0.98 2.16 -13.25
N LEU B 93 0.39 1.11 -12.69
CA LEU B 93 -0.96 1.22 -12.16
C LEU B 93 -1.00 1.09 -10.66
N SER B 94 -2.07 1.61 -10.06
CA SER B 94 -2.37 1.30 -8.69
C SER B 94 -3.54 0.33 -8.64
N ILE B 95 -3.34 -0.77 -7.89
CA ILE B 95 -4.43 -1.67 -7.57
C ILE B 95 -4.79 -1.45 -6.10
N ASP B 96 -6.04 -1.09 -5.86
CA ASP B 96 -6.50 -0.58 -4.60
C ASP B 96 -7.69 -1.39 -4.17
N TYR B 97 -7.65 -1.90 -2.94
CA TYR B 97 -8.76 -2.67 -2.39
C TYR B 97 -9.33 -2.10 -1.08
N GLU B 98 -10.63 -2.30 -0.91
CA GLU B 98 -11.34 -1.98 0.32
C GLU B 98 -10.66 -2.69 1.49
N MET B 99 -10.47 -1.99 2.61
CA MET B 99 -9.86 -2.57 3.81
C MET B 99 -8.43 -3.02 3.64
N SER B 100 -7.76 -2.49 2.64
CA SER B 100 -6.35 -2.73 2.44
C SER B 100 -5.81 -1.45 1.86
N PHE B 101 -4.71 -1.59 1.14
CA PHE B 101 -3.96 -0.46 0.61
C PHE B 101 -4.01 -0.44 -0.92
N ALA B 102 -3.27 0.49 -1.51
CA ALA B 102 -3.08 0.52 -2.96
C ALA B 102 -1.62 0.18 -3.27
N ALA B 103 -1.42 -0.89 -4.02
CA ALA B 103 -0.10 -1.36 -4.37
C ALA B 103 0.22 -0.98 -5.80
N PRO B 104 1.51 -0.88 -6.15
CA PRO B 104 1.79 -0.70 -7.57
C PRO B 104 1.64 -2.04 -8.30
N LEU B 105 1.35 -1.96 -9.59
CA LEU B 105 1.06 -3.14 -10.37
C LEU B 105 1.40 -2.90 -11.82
N VAL B 106 2.01 -3.90 -12.44
CA VAL B 106 2.27 -3.88 -13.86
C VAL B 106 1.75 -5.19 -14.51
N ILE B 107 1.26 -5.08 -15.73
CA ILE B 107 0.99 -6.29 -16.52
C ILE B 107 2.24 -6.67 -17.26
N LEU B 108 2.96 -7.66 -16.73
CA LEU B 108 4.17 -8.12 -17.40
C LEU B 108 3.89 -8.62 -18.81
N GLU B 109 2.73 -9.25 -19.00
CA GLU B 109 2.40 -9.87 -20.28
C GLU B 109 0.97 -10.39 -20.27
N THR B 110 0.35 -10.38 -21.47
CA THR B 110 -1.00 -10.89 -21.63
C THR B 110 -1.27 -11.08 -23.12
N ASP B 111 -2.37 -11.75 -23.45
CA ASP B 111 -2.88 -11.76 -24.80
C ASP B 111 -4.35 -11.35 -24.81
N TYR B 112 -4.82 -10.91 -23.61
CA TYR B 112 -6.15 -10.29 -23.52
C TYR B 112 -7.30 -11.30 -23.52
N SER B 113 -7.06 -12.52 -24.01
CA SER B 113 -8.13 -13.53 -24.06
C SER B 113 -7.84 -14.84 -23.33
N ASN B 114 -6.57 -15.22 -23.22
CA ASN B 114 -6.22 -16.46 -22.52
C ASN B 114 -5.60 -16.21 -21.14
N TYR B 115 -4.54 -15.41 -21.10
CA TYR B 115 -3.77 -15.27 -19.89
C TYR B 115 -3.33 -13.84 -19.64
N ALA B 116 -2.86 -13.59 -18.43
CA ALA B 116 -2.25 -12.32 -18.07
C ALA B 116 -1.28 -12.63 -16.93
N CYS B 117 -0.10 -12.03 -17.00
CA CYS B 117 0.90 -12.20 -15.96
C CYS B 117 1.10 -10.85 -15.29
N LEU B 118 0.89 -10.80 -13.98
CA LEU B 118 0.91 -9.54 -13.28
C LEU B 118 2.01 -9.51 -12.22
N TYR B 119 2.50 -8.31 -11.92
CA TYR B 119 3.63 -8.15 -11.02
C TYR B 119 3.54 -6.88 -10.18
N SER B 120 3.77 -7.04 -8.89
CA SER B 120 3.84 -5.94 -7.95
C SER B 120 5.07 -6.10 -7.09
N CYS B 121 5.87 -5.05 -7.02
CA CYS B 121 7.09 -5.05 -6.24
C CYS B 121 7.20 -3.72 -5.52
N ILE B 122 7.78 -3.72 -4.32
CA ILE B 122 8.09 -2.45 -3.66
C ILE B 122 9.42 -2.54 -2.92
N ASP B 123 10.13 -1.43 -2.89
CA ASP B 123 11.43 -1.40 -2.25
C ASP B 123 11.34 -0.98 -0.79
N TYR B 124 12.13 -1.62 0.04
CA TYR B 124 12.25 -1.24 1.43
C TYR B 124 13.54 -0.45 1.59
N ASN B 125 13.70 0.23 2.71
CA ASN B 125 14.88 1.07 2.95
C ASN B 125 16.01 0.30 3.63
N PHE B 126 15.73 -0.94 4.01
CA PHE B 126 16.76 -1.73 4.66
C PHE B 126 17.27 -2.83 3.73
N GLY B 127 17.21 -2.57 2.43
CA GLY B 127 17.89 -3.42 1.43
C GLY B 127 17.15 -4.66 0.98
N TYR B 128 15.82 -4.63 1.07
CA TYR B 128 14.98 -5.73 0.62
C TYR B 128 13.86 -5.24 -0.30
N HIS B 129 13.27 -6.17 -1.03
CA HIS B 129 12.05 -5.89 -1.75
C HIS B 129 11.05 -7.00 -1.49
N SER B 130 9.78 -6.65 -1.60
CA SER B 130 8.70 -7.64 -1.66
C SER B 130 8.07 -7.53 -3.03
N ASP B 131 7.89 -8.68 -3.67
CA ASP B 131 7.14 -8.74 -4.90
C ASP B 131 6.08 -9.82 -4.85
N PHE B 132 5.05 -9.65 -5.66
CA PHE B 132 3.89 -10.51 -5.64
C PHE B 132 3.44 -10.72 -7.07
N SER B 133 3.36 -11.98 -7.49
CA SER B 133 3.14 -12.30 -8.90
C SER B 133 1.90 -13.15 -9.15
N PHE B 134 1.27 -12.91 -10.29
CA PHE B 134 0.01 -13.53 -10.59
C PHE B 134 -0.06 -14.01 -12.03
N ILE B 135 -0.62 -15.20 -12.20
CA ILE B 135 -1.03 -15.68 -13.50
C ILE B 135 -2.56 -15.73 -13.49
N PHE B 136 -3.17 -15.05 -14.45
CA PHE B 136 -4.63 -15.07 -14.59
C PHE B 136 -5.02 -15.83 -15.85
N SER B 137 -6.19 -16.47 -15.80
CA SER B 137 -6.81 -17.04 -16.98
C SER B 137 -8.24 -16.57 -17.12
N ARG B 138 -8.81 -16.71 -18.30
CA ARG B 138 -10.24 -16.42 -18.49
C ARG B 138 -11.12 -17.63 -18.17
N SER B 139 -10.48 -18.76 -17.90
CA SER B 139 -11.17 -19.95 -17.40
C SER B 139 -10.36 -20.57 -16.27
N ALA B 140 -10.98 -21.50 -15.54
CA ALA B 140 -10.31 -22.24 -14.48
C ALA B 140 -9.06 -22.91 -15.01
N ASN B 141 -9.10 -23.42 -16.24
CA ASN B 141 -7.95 -24.06 -16.83
C ASN B 141 -7.09 -23.07 -17.62
N LEU B 142 -5.85 -23.47 -17.89
CA LEU B 142 -4.93 -22.69 -18.70
C LEU B 142 -3.92 -23.62 -19.34
N ALA B 143 -3.90 -23.63 -20.68
CA ALA B 143 -2.97 -24.47 -21.43
C ALA B 143 -1.55 -24.24 -20.97
N ASP B 144 -0.75 -25.29 -20.98
CA ASP B 144 0.63 -25.19 -20.50
C ASP B 144 1.49 -24.27 -21.35
N LYS B 145 1.04 -23.96 -22.57
CA LYS B 145 1.81 -23.09 -23.44
C LYS B 145 1.78 -21.64 -22.97
N TYR B 146 0.69 -21.28 -22.30
CA TYR B 146 0.54 -19.93 -21.73
C TYR B 146 1.25 -19.82 -20.40
N VAL B 147 1.15 -20.88 -19.60
CA VAL B 147 1.89 -20.96 -18.35
C VAL B 147 3.38 -20.77 -18.64
N LYS B 148 3.86 -21.40 -19.71
CA LYS B 148 5.24 -21.23 -20.14
C LYS B 148 5.56 -19.78 -20.51
N LYS B 149 4.59 -19.10 -21.12
CA LYS B 149 4.74 -17.68 -21.44
C LYS B 149 4.96 -16.82 -20.20
N CYS B 150 4.10 -17.03 -19.19
CA CYS B 150 4.23 -16.27 -17.95
C CYS B 150 5.54 -16.60 -17.25
N GLU B 151 5.88 -17.88 -17.21
CA GLU B 151 7.11 -18.33 -16.56
C GLU B 151 8.36 -17.65 -17.10
N ALA B 152 8.44 -17.55 -18.43
CA ALA B 152 9.57 -16.90 -19.07
C ALA B 152 9.60 -15.41 -18.75
N ALA B 153 8.43 -14.78 -18.77
CA ALA B 153 8.32 -13.37 -18.45
C ALA B 153 8.78 -13.07 -17.03
N PHE B 154 8.47 -13.97 -16.10
CA PHE B 154 8.87 -13.80 -14.71
C PHE B 154 10.33 -14.15 -14.50
N LYS B 155 10.79 -15.21 -15.16
CA LYS B 155 12.20 -15.58 -15.10
C LYS B 155 13.07 -14.48 -15.68
N ASN B 156 12.53 -13.76 -16.66
CA ASN B 156 13.28 -12.70 -17.33
C ASN B 156 13.52 -11.46 -16.48
N ILE B 157 12.77 -11.33 -15.40
CA ILE B 157 13.00 -10.26 -14.42
C ILE B 157 13.42 -10.89 -13.08
N ASN B 158 14.02 -12.07 -13.18
CA ASN B 158 14.58 -12.78 -12.03
C ASN B 158 13.63 -13.10 -10.89
N VAL B 159 12.44 -13.56 -11.24
CA VAL B 159 11.54 -14.08 -10.23
C VAL B 159 11.67 -15.59 -10.25
N ASP B 160 12.06 -16.15 -9.11
CA ASP B 160 12.05 -17.59 -8.94
C ASP B 160 10.59 -17.99 -9.18
N THR B 161 10.38 -18.79 -10.25
CA THR B 161 9.00 -19.18 -10.56
C THR B 161 8.58 -20.40 -9.75
N THR B 162 9.52 -20.99 -9.04
CA THR B 162 9.19 -22.08 -8.13
C THR B 162 8.47 -21.52 -6.91
N ARG B 163 8.20 -20.21 -6.89
CA ARG B 163 7.42 -19.61 -5.82
C ARG B 163 5.90 -19.72 -6.06
N PHE B 164 5.51 -19.93 -7.32
CA PHE B 164 4.10 -20.02 -7.68
C PHE B 164 3.38 -21.22 -7.05
N VAL B 165 2.15 -20.96 -6.56
CA VAL B 165 1.27 -21.97 -6.03
C VAL B 165 -0.02 -21.91 -6.82
N LYS B 166 -0.48 -23.05 -7.33
CA LYS B 166 -1.71 -23.09 -8.12
C LYS B 166 -2.92 -22.81 -7.23
N THR B 167 -3.86 -21.99 -7.72
CA THR B 167 -5.08 -21.69 -6.97
C THR B 167 -6.21 -22.65 -7.34
N VAL B 168 -6.89 -23.18 -6.31
CA VAL B 168 -8.07 -24.01 -6.53
C VAL B 168 -9.10 -23.27 -7.36
N GLN B 169 -9.45 -23.85 -8.51
CA GLN B 169 -10.48 -23.37 -9.42
C GLN B 169 -11.19 -24.58 -10.05
N GLY B 170 -12.37 -24.37 -10.63
CA GLY B 170 -13.09 -25.47 -11.28
C GLY B 170 -14.53 -25.60 -10.80
N SER B 171 -15.21 -26.67 -11.22
CA SER B 171 -16.63 -26.87 -10.91
C SER B 171 -16.92 -27.05 -9.42
N SER B 172 -15.88 -27.22 -8.62
CA SER B 172 -16.02 -27.30 -7.16
C SER B 172 -16.23 -25.91 -6.55
N CYS B 173 -16.04 -24.88 -7.36
CA CYS B 173 -16.18 -23.52 -6.88
C CYS B 173 -17.61 -23.07 -7.02
N PRO B 174 -18.10 -22.33 -6.02
CA PRO B 174 -19.46 -21.82 -6.05
C PRO B 174 -19.52 -20.52 -6.85
N TYR B 175 -18.91 -20.52 -8.04
CA TYR B 175 -18.91 -19.34 -8.89
C TYR B 175 -20.26 -18.62 -8.90
N ASP B 176 -21.32 -19.37 -9.21
CA ASP B 176 -22.68 -18.83 -9.26
C ASP B 176 -23.09 -18.02 -8.04
N THR B 177 -22.80 -18.53 -6.85
CA THR B 177 -23.11 -17.78 -5.64
C THR B 177 -22.20 -16.57 -5.53
N GLN B 178 -20.98 -16.74 -6.01
CA GLN B 178 -20.00 -15.66 -6.06
C GLN B 178 -20.53 -14.53 -6.94
N LYS B 179 -21.12 -14.88 -8.08
CA LYS B 179 -21.72 -13.88 -8.98
C LYS B 179 -22.77 -13.04 -8.26
N THR B 180 -23.50 -13.64 -7.33
CA THR B 180 -24.55 -12.91 -6.61
C THR B 180 -23.94 -12.05 -5.52
N VAL B 181 -22.63 -12.17 -5.35
CA VAL B 181 -21.83 -11.34 -4.45
C VAL B 181 -21.28 -12.12 -3.26
C1 MPD C . 7.10 7.54 5.12
C2 MPD C . 6.35 8.85 4.91
O2 MPD C . 7.28 9.90 5.34
CM MPD C . 6.02 9.06 3.43
C3 MPD C . 5.04 8.92 5.71
C4 MPD C . 4.84 10.17 6.56
O4 MPD C . 5.18 11.35 5.86
C5 MPD C . 3.40 10.30 7.03
C1 MPD D . 2.51 5.12 6.58
C2 MPD D . 3.26 4.59 5.37
O2 MPD D . 4.68 4.85 5.55
CM MPD D . 3.07 3.08 5.26
C3 MPD D . 2.74 5.29 4.11
C4 MPD D . 3.83 5.66 3.10
O4 MPD D . 4.62 4.54 2.82
C5 MPD D . 3.20 6.13 1.80
S SO4 E . -7.24 0.75 10.12
O1 SO4 E . -8.59 0.64 9.56
O2 SO4 E . -6.38 -0.20 9.46
O3 SO4 E . -6.72 2.11 9.93
O4 SO4 E . -7.29 0.46 11.56
NA NA F . 6.49 0.52 12.66
NA NA G . 4.77 24.61 11.42
C1 MPD H . -9.23 14.46 25.19
C2 MPD H . -9.53 14.85 26.63
O2 MPD H . -10.70 14.10 27.09
CM MPD H . -8.35 14.49 27.53
C3 MPD H . -9.84 16.34 26.74
C4 MPD H . -11.04 16.58 27.67
O4 MPD H . -10.93 15.71 28.78
C5 MPD H . -11.06 18.02 28.15
C1 MPD I . -6.98 -8.87 -4.38
C2 MPD I . -6.66 -9.85 -5.52
O2 MPD I . -5.38 -10.48 -5.22
CM MPD I . -7.76 -10.91 -5.60
C3 MPD I . -6.53 -9.11 -6.85
C4 MPD I . -5.08 -8.81 -7.20
O4 MPD I . -4.60 -9.75 -8.13
C5 MPD I . -4.94 -7.42 -7.81
C1 MPD J . -1.29 -8.88 -3.83
C2 MPD J . -1.63 -7.39 -3.86
O2 MPD J . -1.23 -6.84 -5.14
CM MPD J . -0.86 -6.67 -2.76
C3 MPD J . -3.13 -7.22 -3.69
C4 MPD J . -3.46 -6.26 -2.55
O4 MPD J . -3.46 -4.94 -3.05
C5 MPD J . -4.83 -6.58 -1.97
S SO4 K . 1.56 -28.64 -11.60
O1 SO4 K . 0.89 -29.84 -12.10
O2 SO4 K . 3.01 -28.78 -11.73
O3 SO4 K . 1.11 -27.49 -12.38
O4 SO4 K . 1.21 -28.45 -10.20
NA NA L . -15.51 4.34 -19.73
S SO4 M . -1.61 -33.73 12.34
O1 SO4 M . -2.79 -33.82 13.20
O2 SO4 M . -1.64 -34.82 11.37
O3 SO4 M . -1.59 -32.45 11.64
O4 SO4 M . -0.41 -33.83 13.17
S SO4 N . -4.28 -29.55 -27.59
O1 SO4 N . -5.68 -29.18 -27.73
O2 SO4 N . -3.75 -30.01 -28.87
O3 SO4 N . -3.52 -28.38 -27.14
O4 SO4 N . -4.15 -30.61 -26.61
S SO4 O . -2.91 16.53 -15.67
O1 SO4 O . -3.64 15.59 -16.52
O2 SO4 O . -1.71 15.91 -15.15
O3 SO4 O . -2.55 17.70 -16.47
O4 SO4 O . -3.78 16.95 -14.57
#